data_5NES
#
_entry.id   5NES
#
_cell.length_a   45.201
_cell.length_b   48.527
_cell.length_c   52.562
_cell.angle_alpha   84.92
_cell.angle_beta   79.98
_cell.angle_gamma   80.61
#
_symmetry.space_group_name_H-M   'P 1'
#
loop_
_entity.id
_entity.type
_entity.pdbx_description
1 polymer 'Fucose-binding lectin II (PA-IIL)'
2 polymer CYD-TRP-TRD-LYS-LYD-LYS-LYD-LYS-TRD-TRP-CYD
3 non-polymer 'CALCIUM ION'
4 non-polymer '3,7-anhydro-2,8-dideoxy-L-glycero-D-gluco-octonic acid'
5 non-polymer 1,3-dimethylbenzene
6 water water
#
loop_
_entity_poly.entity_id
_entity_poly.type
_entity_poly.pdbx_seq_one_letter_code
_entity_poly.pdbx_strand_id
1 'polypeptide(L)'
;ATQGVFTLPANTRFGVTAFANSSGTQTVNVLVNNETAATFSGQSTNNAVIGTQVLNSGSSGKVQVQVSVNGRPSDLVSAQ
VILTNELNFALVGSEDGTDNDYNDAVVVINWPLG
;
A,B,C,D
2 'polypeptide(L)' (DCY)W(DTR)K(DLY)K(DLY)K(DTR)W(DCY) E
#
loop_
_chem_comp.id
_chem_comp.type
_chem_comp.name
_chem_comp.formula
8VH non-polymer 1,3-dimethylbenzene 'C8 H10'
CA non-polymer 'CALCIUM ION' 'Ca 2'
ZDC D-saccharide '3,7-anhydro-2,8-dideoxy-L-glycero-D-gluco-octonic acid' 'C8 H14 O6'
#
# COMPACT_ATOMS: atom_id res chain seq x y z
N ALA A 1 -17.00 2.25 3.63
CA ALA A 1 -16.13 2.43 4.78
C ALA A 1 -15.59 3.84 4.88
N THR A 2 -15.32 4.27 6.11
CA THR A 2 -14.67 5.56 6.32
C THR A 2 -13.31 5.59 5.62
N GLN A 3 -13.03 6.71 4.96
CA GLN A 3 -11.76 6.93 4.30
C GLN A 3 -11.22 8.29 4.73
N GLY A 4 -9.89 8.45 4.61
CA GLY A 4 -9.23 9.70 4.93
C GLY A 4 -9.02 9.97 6.41
N VAL A 5 -9.20 8.95 7.26
CA VAL A 5 -9.00 9.07 8.71
C VAL A 5 -7.84 8.16 9.09
N PHE A 6 -6.89 8.70 9.83
CA PHE A 6 -5.68 7.96 10.17
C PHE A 6 -5.35 8.16 11.63
N THR A 7 -4.95 7.09 12.32
CA THR A 7 -4.41 7.20 13.67
C THR A 7 -2.90 7.24 13.58
N LEU A 8 -2.32 8.42 13.84
CA LEU A 8 -0.87 8.55 13.92
C LEU A 8 -0.42 8.31 15.35
N PRO A 9 0.86 8.02 15.57
CA PRO A 9 1.39 8.11 16.93
C PRO A 9 1.13 9.50 17.48
N ALA A 10 0.81 9.56 18.77
CA ALA A 10 0.47 10.84 19.37
C ALA A 10 1.67 11.77 19.41
N ASN A 11 1.37 13.08 19.48
CA ASN A 11 2.38 14.13 19.68
C ASN A 11 3.55 13.98 18.71
N THR A 12 3.24 13.71 17.44
CA THR A 12 4.24 13.44 16.42
C THR A 12 4.10 14.43 15.27
N ARG A 13 5.21 15.03 14.87
CA ARG A 13 5.19 15.89 13.68
C ARG A 13 5.01 15.07 12.42
N PHE A 14 4.22 15.58 11.49
CA PHE A 14 3.99 14.88 10.23
C PHE A 14 3.86 15.92 9.13
N GLY A 15 4.22 15.51 7.91
CA GLY A 15 4.02 16.37 6.76
C GLY A 15 2.70 16.07 6.07
N VAL A 16 2.06 17.10 5.54
CA VAL A 16 0.90 16.91 4.69
C VAL A 16 1.08 17.76 3.42
N THR A 17 0.88 17.13 2.26
CA THR A 17 1.12 17.76 0.97
C THR A 17 -0.04 17.43 0.05
N ALA A 18 -0.57 18.42 -0.66
CA ALA A 18 -1.71 18.21 -1.54
C ALA A 18 -1.38 18.61 -2.97
N PHE A 19 -1.82 17.79 -3.92
CA PHE A 19 -1.66 18.01 -5.35
C PHE A 19 -3.03 18.12 -6.00
N ALA A 20 -3.14 18.86 -7.11
CA ALA A 20 -4.42 19.04 -7.80
C ALA A 20 -4.32 18.54 -9.24
N ASN A 21 -5.37 17.83 -9.70
CA ASN A 21 -5.48 17.34 -11.08
C ASN A 21 -6.94 17.40 -11.49
N SER A 22 -7.45 18.61 -11.70
CA SER A 22 -8.87 18.79 -12.01
C SER A 22 -9.10 20.21 -12.50
N SER A 23 -10.18 20.41 -13.29
CA SER A 23 -10.53 21.78 -13.64
C SER A 23 -11.20 22.51 -12.48
N GLY A 24 -11.64 21.80 -11.46
CA GLY A 24 -12.26 22.43 -10.30
C GLY A 24 -11.23 22.82 -9.26
N THR A 25 -11.49 23.95 -8.59
CA THR A 25 -10.65 24.36 -7.47
C THR A 25 -10.84 23.41 -6.29
N GLN A 26 -9.75 22.85 -5.80
CA GLN A 26 -9.79 21.90 -4.69
C GLN A 26 -9.60 22.61 -3.37
N THR A 27 -10.41 22.24 -2.38
CA THR A 27 -10.29 22.70 -1.00
C THR A 27 -9.99 21.48 -0.14
N VAL A 28 -8.82 21.47 0.49
CA VAL A 28 -8.37 20.35 1.32
C VAL A 28 -8.32 20.83 2.76
N ASN A 29 -9.09 20.18 3.62
CA ASN A 29 -9.05 20.47 5.05
C ASN A 29 -8.39 19.31 5.78
N VAL A 30 -7.46 19.65 6.67
CA VAL A 30 -6.79 18.66 7.51
C VAL A 30 -7.22 18.93 8.94
N LEU A 31 -7.88 17.95 9.55
CA LEU A 31 -8.33 18.06 10.94
C LEU A 31 -7.44 17.23 11.85
N VAL A 32 -7.05 17.81 12.99
CA VAL A 32 -6.35 17.08 14.03
C VAL A 32 -7.24 17.08 15.26
N ASN A 33 -7.56 15.89 15.78
CA ASN A 33 -8.47 15.74 16.91
C ASN A 33 -9.78 16.49 16.65
N ASN A 34 -10.29 16.36 15.42
CA ASN A 34 -11.57 16.89 14.98
C ASN A 34 -11.62 18.41 14.89
N GLU A 35 -10.46 19.09 14.89
CA GLU A 35 -10.41 20.54 14.71
C GLU A 35 -9.53 20.86 13.51
N THR A 36 -9.99 21.81 12.69
CA THR A 36 -9.23 22.18 11.49
C THR A 36 -7.85 22.68 11.86
N ALA A 37 -6.81 22.04 11.30
CA ALA A 37 -5.44 22.44 11.55
C ALA A 37 -4.76 23.06 10.33
N ALA A 38 -5.24 22.76 9.12
CA ALA A 38 -4.69 23.33 7.90
C ALA A 38 -5.76 23.29 6.83
N THR A 39 -5.73 24.29 5.95
CA THR A 39 -6.60 24.29 4.79
C THR A 39 -5.78 24.72 3.58
N PHE A 40 -5.88 23.94 2.51
CA PHE A 40 -5.24 24.26 1.23
C PHE A 40 -6.30 24.50 0.18
N SER A 41 -6.00 25.40 -0.77
CA SER A 41 -6.90 25.64 -1.88
C SER A 41 -6.08 25.94 -3.12
N GLY A 42 -6.47 25.36 -4.26
CA GLY A 42 -5.82 25.71 -5.51
C GLY A 42 -6.40 24.90 -6.64
N GLN A 43 -5.95 25.23 -7.85
CA GLN A 43 -6.44 24.58 -9.06
C GLN A 43 -5.26 24.28 -9.96
N SER A 44 -5.22 23.04 -10.46
CA SER A 44 -4.23 22.61 -11.43
C SER A 44 -4.76 21.37 -12.15
N THR A 45 -4.46 21.24 -13.44
CA THR A 45 -4.60 19.97 -14.12
C THR A 45 -3.25 19.31 -14.38
N ASN A 46 -2.20 19.78 -13.71
CA ASN A 46 -0.84 19.30 -13.95
C ASN A 46 -0.13 18.95 -12.65
N ASN A 47 -0.88 18.49 -11.65
CA ASN A 47 -0.31 17.94 -10.41
C ASN A 47 0.42 18.99 -9.58
N ALA A 48 0.05 20.26 -9.70
CA ALA A 48 0.73 21.29 -8.92
C ALA A 48 0.48 21.06 -7.43
N VAL A 49 1.50 21.36 -6.63
CA VAL A 49 1.37 21.31 -5.18
C VAL A 49 0.55 22.53 -4.75
N ILE A 50 -0.64 22.29 -4.19
CA ILE A 50 -1.50 23.40 -3.76
C ILE A 50 -1.35 23.68 -2.27
N GLY A 51 -0.59 22.86 -1.55
CA GLY A 51 -0.31 23.15 -0.16
C GLY A 51 0.65 22.13 0.43
N THR A 52 1.50 22.56 1.36
CA THR A 52 2.33 21.63 2.10
C THR A 52 2.60 22.28 3.45
N GLN A 53 2.60 21.47 4.50
CA GLN A 53 2.67 22.01 5.85
C GLN A 53 3.09 20.91 6.80
N VAL A 54 3.76 21.29 7.89
CA VAL A 54 4.11 20.38 8.95
C VAL A 54 3.15 20.63 10.11
N LEU A 55 2.52 19.57 10.60
CA LEU A 55 1.56 19.62 11.69
C LEU A 55 1.97 18.65 12.80
N ASN A 56 1.31 18.76 13.94
CA ASN A 56 1.54 17.85 15.06
C ASN A 56 0.26 17.07 15.33
N SER A 57 0.40 15.74 15.47
CA SER A 57 -0.77 14.89 15.64
C SER A 57 -1.44 15.03 17.01
N GLY A 58 -0.80 15.71 17.96
CA GLY A 58 -1.43 16.00 19.24
C GLY A 58 -1.72 14.78 20.12
N SER A 59 -2.45 15.05 21.20
CA SER A 59 -2.65 14.01 22.22
C SER A 59 -3.43 12.83 21.70
N SER A 60 -4.29 13.02 20.70
CA SER A 60 -5.14 11.96 20.19
C SER A 60 -4.52 11.18 19.04
N GLY A 61 -3.62 11.81 18.28
CA GLY A 61 -3.12 11.21 17.06
C GLY A 61 -4.11 11.10 15.92
N LYS A 62 -5.35 11.59 16.09
CA LYS A 62 -6.35 11.45 15.04
C LYS A 62 -6.19 12.54 13.99
N VAL A 63 -6.00 12.14 12.74
CA VAL A 63 -5.83 13.03 11.60
C VAL A 63 -6.86 12.68 10.56
N GLN A 64 -7.59 13.67 10.07
CA GLN A 64 -8.59 13.43 9.03
C GLN A 64 -8.43 14.41 7.90
N VAL A 65 -8.54 13.91 6.67
CA VAL A 65 -8.47 14.72 5.46
C VAL A 65 -9.86 14.79 4.84
N GLN A 66 -10.30 15.99 4.47
CA GLN A 66 -11.55 16.18 3.76
C GLN A 66 -11.28 17.04 2.52
N VAL A 67 -11.94 16.70 1.41
CA VAL A 67 -11.77 17.41 0.16
C VAL A 67 -13.14 17.82 -0.36
N SER A 68 -13.26 19.07 -0.79
CA SER A 68 -14.50 19.52 -1.41
C SER A 68 -14.16 20.44 -2.57
N VAL A 69 -15.11 20.59 -3.49
CA VAL A 69 -14.98 21.49 -4.63
C VAL A 69 -16.21 22.38 -4.61
N ASN A 70 -16.02 23.64 -4.22
CA ASN A 70 -17.13 24.60 -4.18
C ASN A 70 -18.31 24.07 -3.36
N GLY A 71 -18.03 23.46 -2.21
CA GLY A 71 -19.08 22.98 -1.33
C GLY A 71 -19.61 21.60 -1.63
N ARG A 72 -19.14 20.94 -2.69
CA ARG A 72 -19.50 19.58 -2.97
C ARG A 72 -18.43 18.67 -2.38
N PRO A 73 -18.74 17.85 -1.38
CA PRO A 73 -17.72 16.94 -0.84
C PRO A 73 -17.26 15.96 -1.91
N SER A 74 -15.95 15.76 -1.97
CA SER A 74 -15.39 14.77 -2.88
C SER A 74 -15.37 13.40 -2.21
N ASP A 75 -15.53 12.36 -3.02
CA ASP A 75 -15.42 10.99 -2.53
C ASP A 75 -13.95 10.63 -2.33
N LEU A 76 -13.63 10.05 -1.19
CA LEU A 76 -12.24 9.77 -0.84
C LEU A 76 -11.90 8.28 -0.93
N VAL A 77 -10.64 8.00 -1.28
CA VAL A 77 -10.04 6.68 -1.11
C VAL A 77 -8.73 6.87 -0.38
N SER A 78 -8.35 5.87 0.43
CA SER A 78 -7.18 6.08 1.28
C SER A 78 -6.61 4.75 1.74
N ALA A 79 -5.35 4.80 2.14
CA ALA A 79 -4.70 3.67 2.82
C ALA A 79 -3.45 4.21 3.50
N GLN A 80 -2.91 3.40 4.42
CA GLN A 80 -1.63 3.68 5.06
C GLN A 80 -0.66 2.56 4.69
N VAL A 81 0.58 2.93 4.37
CA VAL A 81 1.63 1.97 4.03
C VAL A 81 2.85 2.25 4.89
N ILE A 82 3.46 1.20 5.42
CA ILE A 82 4.66 1.30 6.25
C ILE A 82 5.78 0.52 5.58
N LEU A 83 6.90 1.18 5.33
CA LEU A 83 8.08 0.56 4.75
C LEU A 83 9.15 0.34 5.82
N THR A 84 9.84 -0.80 5.72
CA THR A 84 10.86 -1.30 6.67
C THR A 84 10.49 -1.00 8.12
N ASN A 85 9.20 -1.11 8.43
CA ASN A 85 8.69 -1.01 9.79
C ASN A 85 8.98 0.35 10.43
N GLU A 86 9.28 1.37 9.63
CA GLU A 86 9.65 2.67 10.19
C GLU A 86 9.02 3.85 9.46
N LEU A 87 8.90 3.78 8.13
CA LEU A 87 8.52 4.93 7.31
C LEU A 87 7.04 4.84 6.93
N ASN A 88 6.27 5.86 7.28
CA ASN A 88 4.81 5.80 7.16
C ASN A 88 4.29 6.76 6.09
N PHE A 89 3.38 6.26 5.27
CA PHE A 89 2.63 7.09 4.32
C PHE A 89 1.16 6.89 4.57
N ALA A 90 0.43 8.00 4.73
CA ALA A 90 -1.03 7.98 4.69
C ALA A 90 -1.45 8.67 3.42
N LEU A 91 -2.18 7.96 2.56
CA LEU A 91 -2.40 8.38 1.19
C LEU A 91 -3.89 8.59 0.96
N VAL A 92 -4.24 9.67 0.27
CA VAL A 92 -5.64 9.99 -0.02
C VAL A 92 -5.77 10.37 -1.49
N GLY A 93 -6.75 9.77 -2.16
CA GLY A 93 -7.20 10.28 -3.45
C GLY A 93 -8.62 10.79 -3.35
N SER A 94 -9.07 11.59 -4.31
CA SER A 94 -10.43 12.11 -4.20
C SER A 94 -10.99 12.36 -5.59
N GLU A 95 -12.32 12.29 -5.69
CA GLU A 95 -13.01 12.36 -6.97
C GLU A 95 -14.12 13.39 -6.86
N ASP A 96 -14.08 14.39 -7.74
CA ASP A 96 -15.06 15.48 -7.72
C ASP A 96 -16.13 15.36 -8.79
N GLY A 97 -16.09 14.29 -9.57
CA GLY A 97 -17.01 14.13 -10.68
C GLY A 97 -17.34 12.68 -10.94
N THR A 98 -17.45 12.31 -12.22
CA THR A 98 -17.87 10.97 -12.58
C THR A 98 -16.85 10.20 -13.42
N ASP A 99 -15.66 10.74 -13.67
CA ASP A 99 -14.68 10.03 -14.51
C ASP A 99 -13.80 9.06 -13.72
N ASN A 100 -13.91 9.06 -12.40
CA ASN A 100 -13.32 8.05 -11.52
C ASN A 100 -11.81 7.90 -11.69
N ASP A 101 -11.11 9.03 -11.85
CA ASP A 101 -9.65 8.94 -11.78
C ASP A 101 -9.11 9.18 -10.37
N TYR A 102 -9.92 9.74 -9.47
CA TYR A 102 -9.58 9.86 -8.04
C TYR A 102 -8.25 10.56 -7.79
N ASN A 103 -7.85 11.44 -8.70
CA ASN A 103 -6.64 12.23 -8.53
C ASN A 103 -6.95 13.72 -8.42
N ASP A 104 -8.22 14.08 -8.25
CA ASP A 104 -8.60 15.48 -8.41
C ASP A 104 -7.95 16.34 -7.35
N ALA A 105 -7.93 15.86 -6.12
CA ALA A 105 -6.94 16.24 -5.12
C ALA A 105 -6.29 14.97 -4.61
N VAL A 106 -4.96 14.96 -4.56
CA VAL A 106 -4.19 13.85 -4.00
C VAL A 106 -3.48 14.39 -2.77
N VAL A 107 -3.57 13.67 -1.66
CA VAL A 107 -3.01 14.15 -0.40
C VAL A 107 -2.07 13.08 0.14
N VAL A 108 -0.85 13.50 0.49
CA VAL A 108 0.17 12.60 1.01
C VAL A 108 0.54 13.07 2.40
N ILE A 109 0.41 12.19 3.39
CA ILE A 109 0.85 12.44 4.76
C ILE A 109 2.04 11.53 5.03
N ASN A 110 3.12 12.09 5.58
CA ASN A 110 4.29 11.24 5.83
C ASN A 110 4.87 11.55 7.20
N TRP A 111 5.37 10.49 7.84
CA TRP A 111 6.04 10.60 9.15
C TRP A 111 6.90 9.36 9.34
N PRO A 112 7.89 9.40 10.26
CA PRO A 112 8.34 10.54 11.06
C PRO A 112 9.08 11.56 10.21
N LEU A 113 9.23 12.75 10.76
CA LEU A 113 10.05 13.79 10.15
C LEU A 113 11.38 13.89 10.89
N GLY A 114 12.25 14.76 10.39
CA GLY A 114 13.47 15.11 11.11
C GLY A 114 14.67 14.24 10.80
N DCY B 1 -15.72 18.91 -14.23
CA DCY B 1 -16.65 19.92 -14.68
C DCY B 1 -17.16 19.52 -16.06
O DCY B 1 -17.75 18.51 -16.21
CB DCY B 1 -17.80 20.01 -13.68
SG DCY B 1 -19.15 21.05 -14.32
N TRP B 2 -16.91 20.35 -17.07
CA TRP B 2 -17.29 20.00 -18.44
C TRP B 2 -16.11 20.09 -19.41
N DTR B 3 -14.95 19.56 -19.00
CA DTR B 3 -13.84 19.53 -19.91
CB DTR B 3 -12.67 18.58 -19.56
CG DTR B 3 -12.90 17.18 -18.94
CD1 DTR B 3 -11.89 16.31 -18.87
NE1 DTR B 3 -12.36 15.25 -18.32
CE2 DTR B 3 -13.68 15.21 -17.92
CZ2 DTR B 3 -14.49 14.25 -17.31
CH2 DTR B 3 -15.82 14.57 -17.06
CZ3 DTR B 3 -16.35 15.83 -17.42
CE3 DTR B 3 -15.55 16.82 -18.05
CD2 DTR B 3 -14.19 16.56 -18.33
C DTR B 3 -13.32 20.98 -19.96
O DTR B 3 -13.34 21.67 -18.98
N LYS B 4 -12.89 21.41 -21.15
CA LYS B 4 -12.40 22.77 -21.35
C LYS B 4 -13.53 23.78 -21.55
N DLY B 5 -14.72 23.29 -21.92
CA DLY B 5 -15.87 24.15 -22.18
C DLY B 5 -15.57 25.16 -23.28
O DLY B 5 -16.11 26.28 -23.26
CB DLY B 5 -17.10 23.31 -22.55
N LYS B 6 -14.71 24.78 -24.22
CA LYS B 6 -14.36 25.63 -25.37
C LYS B 6 -13.79 27.01 -25.01
N DLY B 7 -13.08 27.10 -23.89
CA DLY B 7 -12.34 28.32 -23.55
C DLY B 7 -13.00 29.14 -22.46
O DLY B 7 -13.13 30.37 -22.60
CB DLY B 7 -10.90 27.98 -23.15
N LYS B 8 -13.40 28.48 -21.38
CA LYS B 8 -13.95 29.17 -20.21
C LYS B 8 -14.12 28.21 -19.04
N DTR B 9 -13.19 27.25 -18.93
CA DTR B 9 -13.04 26.32 -17.82
CB DTR B 9 -12.57 24.95 -18.35
CG DTR B 9 -11.11 24.93 -18.85
CD1 DTR B 9 -10.48 25.96 -19.42
NE1 DTR B 9 -9.30 25.52 -19.69
CE2 DTR B 9 -8.95 24.21 -19.39
CZ2 DTR B 9 -7.81 23.42 -19.53
CH2 DTR B 9 -7.87 22.10 -19.08
CZ3 DTR B 9 -9.01 21.56 -18.49
CE3 DTR B 9 -10.21 22.35 -18.33
CD2 DTR B 9 -10.20 23.69 -18.76
C DTR B 9 -14.27 26.05 -16.93
O DTR B 9 -15.34 25.75 -17.40
N TRP B 10 -14.06 26.21 -15.63
CA TRP B 10 -15.02 25.82 -14.60
C TRP B 10 -15.84 27.02 -14.12
N DCY B 11 -16.86 27.41 -14.87
CA DCY B 11 -17.65 28.59 -14.54
C DCY B 11 -17.00 29.81 -15.17
O DCY B 11 -17.41 30.90 -14.93
CB DCY B 11 -19.09 28.49 -15.03
SG DCY B 11 -19.18 27.73 -16.67
N ALA C 1 -16.01 4.95 -3.11
CA ALA C 1 -15.40 4.43 -4.33
C ALA C 1 -15.67 2.96 -4.47
N THR C 2 -15.58 2.45 -5.71
CA THR C 2 -15.67 1.01 -5.92
C THR C 2 -14.53 0.30 -5.22
N GLN C 3 -14.85 -0.82 -4.58
CA GLN C 3 -13.87 -1.61 -3.85
C GLN C 3 -14.03 -3.07 -4.24
N GLY C 4 -12.93 -3.81 -4.13
CA GLY C 4 -12.95 -5.23 -4.44
C GLY C 4 -12.83 -5.58 -5.90
N VAL C 5 -12.51 -4.62 -6.77
CA VAL C 5 -12.32 -4.84 -8.20
C VAL C 5 -10.85 -4.60 -8.54
N PHE C 6 -10.23 -5.54 -9.23
CA PHE C 6 -8.81 -5.45 -9.55
C PHE C 6 -8.56 -5.79 -11.00
N THR C 7 -7.70 -5.03 -11.68
CA THR C 7 -7.25 -5.39 -13.01
C THR C 7 -5.93 -6.12 -12.86
N LEU C 8 -5.95 -7.43 -13.11
CA LEU C 8 -4.72 -8.21 -13.14
C LEU C 8 -4.17 -8.21 -14.55
N PRO C 9 -2.90 -8.56 -14.73
CA PRO C 9 -2.43 -8.91 -16.08
C PRO C 9 -3.30 -10.02 -16.64
N ALA C 10 -3.65 -9.90 -17.90
CA ALA C 10 -4.53 -10.88 -18.53
C ALA C 10 -3.86 -12.25 -18.58
N ASN C 11 -4.69 -13.29 -18.62
CA ASN C 11 -4.23 -14.65 -18.87
C ASN C 11 -3.17 -15.10 -17.86
N THR C 12 -3.35 -14.71 -16.59
CA THR C 12 -2.34 -14.94 -15.57
C THR C 12 -2.94 -15.74 -14.43
N ARG C 13 -2.24 -16.80 -14.02
CA ARG C 13 -2.66 -17.58 -12.85
C ARG C 13 -2.45 -16.76 -11.58
N PHE C 14 -3.44 -16.82 -10.69
CA PHE C 14 -3.33 -16.13 -9.41
C PHE C 14 -3.94 -16.99 -8.33
N GLY C 15 -3.50 -16.75 -7.10
CA GLY C 15 -4.10 -17.38 -5.93
C GLY C 15 -5.12 -16.46 -5.28
N VAL C 16 -6.22 -17.05 -4.81
CA VAL C 16 -7.19 -16.30 -4.01
C VAL C 16 -7.51 -17.12 -2.77
N THR C 17 -7.48 -16.46 -1.61
CA THR C 17 -7.59 -17.13 -0.32
C THR C 17 -8.46 -16.28 0.59
N ALA C 18 -9.39 -16.92 1.32
CA ALA C 18 -10.32 -16.18 2.17
C ALA C 18 -10.20 -16.65 3.62
N PHE C 19 -10.31 -15.68 4.53
CA PHE C 19 -10.23 -15.90 5.97
C PHE C 19 -11.51 -15.36 6.61
N ALA C 20 -11.97 -16.01 7.69
CA ALA C 20 -13.20 -15.59 8.35
C ALA C 20 -12.92 -15.18 9.79
N ASN C 21 -13.54 -14.05 10.23
CA ASN C 21 -13.42 -13.56 11.61
C ASN C 21 -14.76 -12.93 12.00
N SER C 22 -15.77 -13.76 12.25
CA SER C 22 -17.12 -13.25 12.49
C SER C 22 -17.99 -14.36 13.05
N SER C 23 -18.99 -13.97 13.85
CA SER C 23 -19.98 -14.97 14.24
C SER C 23 -20.92 -15.30 13.09
N GLY C 24 -20.95 -14.47 12.05
CA GLY C 24 -21.78 -14.74 10.89
C GLY C 24 -21.09 -15.60 9.85
N THR C 25 -21.85 -16.48 9.22
CA THR C 25 -21.32 -17.32 8.15
C THR C 25 -21.03 -16.46 6.93
N GLN C 26 -19.78 -16.47 6.48
CA GLN C 26 -19.36 -15.66 5.33
C GLN C 26 -19.52 -16.43 4.03
N THR C 27 -19.90 -15.73 2.98
CA THR C 27 -19.87 -16.27 1.62
C THR C 27 -19.08 -15.31 0.76
N VAL C 28 -17.99 -15.82 0.17
CA VAL C 28 -17.08 -15.04 -0.66
C VAL C 28 -17.23 -15.51 -2.09
N ASN C 29 -17.56 -14.58 -2.99
CA ASN C 29 -17.67 -14.89 -4.40
C ASN C 29 -16.56 -14.19 -5.15
N VAL C 30 -15.83 -14.94 -5.98
CA VAL C 30 -14.75 -14.41 -6.79
C VAL C 30 -15.20 -14.49 -8.23
N LEU C 31 -15.30 -13.35 -8.90
CA LEU C 31 -15.74 -13.26 -10.27
C LEU C 31 -14.56 -12.96 -11.17
N VAL C 32 -14.48 -13.65 -12.29
CA VAL C 32 -13.48 -13.35 -13.33
C VAL C 32 -14.25 -13.01 -14.59
N ASN C 33 -13.98 -11.83 -15.15
CA ASN C 33 -14.72 -11.33 -16.32
C ASN C 33 -16.22 -11.38 -16.07
N ASN C 34 -16.62 -10.99 -14.86
CA ASN C 34 -18.01 -10.82 -14.44
C ASN C 34 -18.77 -12.13 -14.28
N GLU C 35 -18.07 -13.26 -14.26
CA GLU C 35 -18.68 -14.56 -14.05
C GLU C 35 -18.06 -15.23 -12.83
N THR C 36 -18.91 -15.85 -12.00
CA THR C 36 -18.40 -16.50 -10.80
C THR C 36 -17.41 -17.60 -11.15
N ALA C 37 -16.21 -17.53 -10.55
CA ALA C 37 -15.16 -18.50 -10.77
C ALA C 37 -14.80 -19.29 -9.52
N ALA C 38 -15.17 -18.79 -8.34
CA ALA C 38 -14.94 -19.52 -7.09
C ALA C 38 -15.91 -18.98 -6.05
N THR C 39 -16.31 -19.87 -5.14
CA THR C 39 -17.14 -19.48 -4.00
C THR C 39 -16.62 -20.18 -2.75
N PHE C 40 -16.39 -19.40 -1.70
CA PHE C 40 -15.91 -19.93 -0.42
C PHE C 40 -16.91 -19.58 0.67
N SER C 41 -17.02 -20.45 1.69
CA SER C 41 -17.90 -20.14 2.80
C SER C 41 -17.41 -20.83 4.07
N GLY C 42 -17.68 -20.19 5.21
CA GLY C 42 -17.31 -20.75 6.50
C GLY C 42 -17.71 -19.81 7.60
N GLN C 43 -17.49 -20.26 8.84
CA GLN C 43 -17.80 -19.44 10.01
C GLN C 43 -16.75 -19.69 11.08
N SER C 44 -15.97 -18.66 11.37
CA SER C 44 -14.92 -18.75 12.38
C SER C 44 -14.67 -17.35 12.91
N THR C 45 -14.38 -17.25 14.22
CA THR C 45 -13.84 -16.03 14.79
C THR C 45 -12.34 -16.11 15.00
N ASN C 46 -11.68 -17.08 14.37
CA ASN C 46 -10.26 -17.33 14.61
C ASN C 46 -9.51 -17.53 13.30
N ASN C 47 -9.90 -16.81 12.25
CA ASN C 47 -9.11 -16.65 11.03
C ASN C 47 -9.04 -17.92 10.20
N ALA C 48 -10.08 -18.74 10.23
CA ALA C 48 -10.07 -19.97 9.44
C ALA C 48 -9.88 -19.66 7.96
N VAL C 49 -9.09 -20.50 7.29
CA VAL C 49 -8.88 -20.38 5.86
C VAL C 49 -10.01 -21.12 5.17
N ILE C 50 -11.12 -20.41 4.91
CA ILE C 50 -12.35 -21.06 4.46
C ILE C 50 -12.26 -21.45 3.00
N GLY C 51 -11.30 -20.92 2.26
CA GLY C 51 -11.04 -21.43 0.93
C GLY C 51 -9.76 -20.87 0.36
N THR C 52 -9.17 -21.61 -0.56
CA THR C 52 -8.00 -21.15 -1.30
C THR C 52 -8.02 -21.88 -2.64
N GLN C 53 -7.68 -21.17 -3.70
CA GLN C 53 -7.86 -21.74 -5.04
C GLN C 53 -6.96 -20.98 -5.99
N VAL C 54 -6.53 -21.67 -7.05
CA VAL C 54 -5.77 -21.05 -8.13
C VAL C 54 -6.72 -20.82 -9.30
N LEU C 55 -6.74 -19.60 -9.82
CA LEU C 55 -7.60 -19.22 -10.92
C LEU C 55 -6.77 -18.56 -12.02
N ASN C 56 -7.39 -18.33 -13.17
CA ASN C 56 -6.75 -17.64 -14.28
C ASN C 56 -7.51 -16.35 -14.56
N SER C 57 -6.78 -15.25 -14.68
CA SER C 57 -7.44 -13.95 -14.88
C SER C 57 -8.10 -13.81 -16.25
N GLY C 58 -7.84 -14.70 -17.20
CA GLY C 58 -8.56 -14.67 -18.46
C GLY C 58 -8.22 -13.47 -19.34
N SER C 59 -8.97 -13.37 -20.44
CA SER C 59 -8.63 -12.37 -21.46
C SER C 59 -8.82 -10.93 -20.96
N SER C 60 -9.69 -10.70 -19.98
CA SER C 60 -9.95 -9.34 -19.52
C SER C 60 -9.05 -8.93 -18.35
N GLY C 61 -8.54 -9.89 -17.59
CA GLY C 61 -7.83 -9.57 -16.36
C GLY C 61 -8.69 -9.04 -15.22
N LYS C 62 -10.01 -8.93 -15.41
CA LYS C 62 -10.87 -8.33 -14.40
C LYS C 62 -11.22 -9.36 -13.32
N VAL C 63 -10.86 -9.06 -12.07
CA VAL C 63 -11.18 -9.91 -10.94
C VAL C 63 -11.98 -9.09 -9.93
N GLN C 64 -13.10 -9.63 -9.48
CA GLN C 64 -13.92 -8.93 -8.49
C GLN C 64 -14.26 -9.86 -7.34
N VAL C 65 -14.15 -9.32 -6.12
CA VAL C 65 -14.48 -10.05 -4.90
C VAL C 65 -15.76 -9.45 -4.32
N GLN C 66 -16.70 -10.30 -3.92
CA GLN C 66 -17.91 -9.88 -3.24
C GLN C 66 -18.11 -10.77 -2.02
N VAL C 67 -18.62 -10.18 -0.93
CA VAL C 67 -18.82 -10.89 0.32
C VAL C 67 -20.25 -10.65 0.79
N SER C 68 -20.92 -11.71 1.25
CA SER C 68 -22.25 -11.55 1.81
C SER C 68 -22.39 -12.46 3.01
N VAL C 69 -23.30 -12.09 3.89
CA VAL C 69 -23.61 -12.87 5.08
C VAL C 69 -25.11 -13.06 5.07
N ASN C 70 -25.55 -14.32 4.93
CA ASN C 70 -26.98 -14.68 4.87
C ASN C 70 -27.72 -13.83 3.83
N GLY C 71 -27.08 -13.60 2.69
CA GLY C 71 -27.68 -12.87 1.60
C GLY C 71 -27.51 -11.37 1.62
N ARG C 72 -26.96 -10.81 2.70
CA ARG C 72 -26.76 -9.36 2.80
C ARG C 72 -25.35 -9.02 2.38
N PRO C 73 -25.13 -8.18 1.36
CA PRO C 73 -23.77 -7.82 0.97
C PRO C 73 -23.04 -7.08 2.09
N SER C 74 -21.79 -7.45 2.33
CA SER C 74 -20.95 -6.74 3.27
C SER C 74 -20.33 -5.53 2.60
N ASP C 75 -19.95 -4.54 3.40
CA ASP C 75 -19.23 -3.38 2.91
C ASP C 75 -17.76 -3.72 2.74
N LEU C 76 -17.17 -3.35 1.60
CA LEU C 76 -15.82 -3.77 1.26
C LEU C 76 -14.83 -2.64 1.34
N VAL C 77 -13.58 -2.99 1.67
CA VAL C 77 -12.41 -2.13 1.52
C VAL C 77 -11.32 -2.92 0.81
N SER C 78 -10.48 -2.24 0.03
CA SER C 78 -9.52 -2.97 -0.78
C SER C 78 -8.37 -2.08 -1.22
N ALA C 79 -7.27 -2.71 -1.62
CA ALA C 79 -6.12 -2.03 -2.21
C ALA C 79 -5.23 -3.07 -2.85
N GLN C 80 -4.32 -2.61 -3.71
CA GLN C 80 -3.32 -3.48 -4.29
C GLN C 80 -1.94 -2.96 -3.93
N VAL C 81 -1.02 -3.88 -3.57
CA VAL C 81 0.34 -3.52 -3.20
C VAL C 81 1.31 -4.34 -4.04
N ILE C 82 2.38 -3.69 -4.51
CA ILE C 82 3.41 -4.35 -5.31
C ILE C 82 4.75 -4.17 -4.61
N LEU C 83 5.44 -5.28 -4.38
CA LEU C 83 6.75 -5.28 -3.73
C LEU C 83 7.84 -5.60 -4.76
N THR C 84 8.98 -4.94 -4.61
CA THR C 84 10.13 -4.92 -5.53
C THR C 84 9.70 -5.00 -6.99
N ASN C 85 8.61 -4.31 -7.34
CA ASN C 85 8.17 -4.14 -8.72
C ASN C 85 7.80 -5.47 -9.39
N GLU C 86 7.49 -6.50 -8.60
CA GLU C 86 7.27 -7.83 -9.15
C GLU C 86 6.17 -8.61 -8.42
N LEU C 87 6.10 -8.50 -7.10
CA LEU C 87 5.22 -9.35 -6.31
C LEU C 87 3.94 -8.60 -5.96
N ASN C 88 2.79 -9.15 -6.34
CA ASN C 88 1.53 -8.42 -6.26
C ASN C 88 0.58 -9.02 -5.23
N PHE C 89 -0.04 -8.17 -4.43
CA PHE C 89 -1.11 -8.55 -3.53
C PHE C 89 -2.32 -7.68 -3.80
N ALA C 90 -3.48 -8.30 -3.98
CA ALA C 90 -4.74 -7.55 -3.99
C ALA C 90 -5.49 -7.95 -2.73
N LEU C 91 -5.90 -6.97 -1.93
CA LEU C 91 -6.34 -7.21 -0.57
C LEU C 91 -7.77 -6.71 -0.40
N VAL C 92 -8.59 -7.48 0.31
CA VAL C 92 -9.98 -7.11 0.55
C VAL C 92 -10.33 -7.34 2.01
N GLY C 93 -10.96 -6.36 2.65
CA GLY C 93 -11.57 -6.57 3.94
C GLY C 93 -13.07 -6.36 3.80
N SER C 94 -13.85 -6.80 4.78
CA SER C 94 -15.30 -6.68 4.65
C SER C 94 -15.92 -6.62 6.05
N GLU C 95 -17.03 -5.89 6.14
CA GLU C 95 -17.72 -5.65 7.41
C GLU C 95 -19.17 -6.07 7.27
N ASP C 96 -19.62 -6.96 8.15
CA ASP C 96 -20.97 -7.50 8.10
C ASP C 96 -21.88 -6.91 9.18
N GLY C 97 -21.35 -6.01 10.00
CA GLY C 97 -22.07 -5.54 11.17
C GLY C 97 -21.74 -4.11 11.52
N THR C 98 -21.57 -3.82 12.80
CA THR C 98 -21.48 -2.45 13.30
C THR C 98 -20.15 -2.10 13.97
N ASP C 99 -19.28 -3.07 14.25
CA ASP C 99 -18.06 -2.76 14.98
C ASP C 99 -16.93 -2.27 14.08
N ASN C 100 -17.09 -2.35 12.76
CA ASN C 100 -16.14 -1.81 11.79
C ASN C 100 -14.72 -2.34 12.00
N ASP C 101 -14.58 -3.64 12.31
CA ASP C 101 -13.23 -4.20 12.28
C ASP C 101 -12.81 -4.65 10.89
N TYR C 102 -13.77 -4.76 9.96
CA TYR C 102 -13.51 -5.02 8.53
C TYR C 102 -12.67 -6.29 8.30
N ASN C 103 -12.74 -7.25 9.21
CA ASN C 103 -12.04 -8.52 9.06
C ASN C 103 -12.98 -9.69 8.94
N ASP C 104 -14.29 -9.42 8.81
CA ASP C 104 -15.28 -10.48 8.94
C ASP C 104 -15.07 -11.55 7.86
N ALA C 105 -14.82 -11.12 6.63
CA ALA C 105 -14.13 -11.95 5.65
C ALA C 105 -12.97 -11.13 5.09
N VAL C 106 -11.78 -11.74 5.06
CA VAL C 106 -10.57 -11.12 4.52
C VAL C 106 -10.15 -11.96 3.32
N VAL C 107 -9.85 -11.31 2.21
CA VAL C 107 -9.50 -12.01 0.98
C VAL C 107 -8.15 -11.49 0.49
N VAL C 108 -7.25 -12.42 0.18
CA VAL C 108 -5.92 -12.08 -0.33
C VAL C 108 -5.75 -12.74 -1.69
N ILE C 109 -5.42 -11.92 -2.69
CA ILE C 109 -5.15 -12.38 -4.04
C ILE C 109 -3.66 -12.13 -4.30
N ASN C 110 -2.95 -13.15 -4.80
CA ASN C 110 -1.52 -12.98 -5.01
C ASN C 110 -1.09 -13.55 -6.35
N TRP C 111 -0.15 -12.86 -6.98
CA TRP C 111 0.46 -13.30 -8.23
C TRP C 111 1.81 -12.60 -8.36
N PRO C 112 2.72 -13.14 -9.21
CA PRO C 112 2.62 -14.36 -10.00
C PRO C 112 2.76 -15.60 -9.13
N LEU C 113 2.35 -16.74 -9.68
CA LEU C 113 2.55 -18.04 -9.07
C LEU C 113 3.70 -18.77 -9.75
N GLY C 114 4.04 -19.92 -9.20
CA GLY C 114 4.99 -20.82 -9.84
C GLY C 114 6.44 -20.64 -9.47
N ALA D 1 16.53 -7.10 -2.01
CA ALA D 1 15.94 -6.95 -3.34
C ALA D 1 16.17 -5.54 -3.89
N THR D 2 16.05 -5.41 -5.20
CA THR D 2 16.10 -4.11 -5.84
C THR D 2 14.94 -3.24 -5.33
N GLN D 3 15.22 -1.96 -5.12
CA GLN D 3 14.26 -0.99 -4.60
C GLN D 3 14.40 0.29 -5.39
N GLY D 4 13.31 1.06 -5.43
CA GLY D 4 13.31 2.33 -6.13
C GLY D 4 13.15 2.23 -7.64
N VAL D 5 12.86 1.05 -8.16
CA VAL D 5 12.64 0.82 -9.60
C VAL D 5 11.17 0.48 -9.79
N PHE D 6 10.52 1.16 -10.73
CA PHE D 6 9.09 1.00 -10.93
C PHE D 6 8.79 0.91 -12.42
N THR D 7 7.89 0.00 -12.78
CA THR D 7 7.38 -0.09 -14.14
C THR D 7 6.04 0.63 -14.20
N LEU D 8 6.03 1.81 -14.82
CA LEU D 8 4.81 2.54 -15.08
C LEU D 8 4.25 2.14 -16.43
N PRO D 9 2.95 2.40 -16.68
CA PRO D 9 2.46 2.27 -18.06
C PRO D 9 3.30 3.16 -18.97
N ALA D 10 3.55 2.68 -20.18
CA ALA D 10 4.44 3.40 -21.08
C ALA D 10 3.85 4.74 -21.46
N ASN D 11 4.73 5.70 -21.74
CA ASN D 11 4.37 6.97 -22.36
C ASN D 11 3.36 7.75 -21.52
N THR D 12 3.45 7.64 -20.20
CA THR D 12 2.46 8.20 -19.29
C THR D 12 3.10 9.28 -18.43
N ARG D 13 2.44 10.43 -18.33
CA ARG D 13 2.95 11.49 -17.46
C ARG D 13 2.69 11.14 -16.00
N PHE D 14 3.66 11.43 -15.15
CA PHE D 14 3.54 11.15 -13.73
C PHE D 14 4.17 12.29 -12.94
N GLY D 15 3.73 12.45 -11.70
CA GLY D 15 4.37 13.40 -10.80
C GLY D 15 5.44 12.73 -9.97
N VAL D 16 6.51 13.48 -9.67
CA VAL D 16 7.53 13.00 -8.75
C VAL D 16 7.89 14.13 -7.80
N THR D 17 7.90 13.84 -6.50
CA THR D 17 8.05 14.87 -5.46
C THR D 17 8.99 14.34 -4.41
N ALA D 18 9.98 15.13 -4.01
CA ALA D 18 11.01 14.73 -3.05
C ALA D 18 10.96 15.59 -1.80
N PHE D 19 11.07 14.94 -0.63
CA PHE D 19 11.11 15.58 0.68
C PHE D 19 12.45 15.28 1.35
N ALA D 20 12.94 16.22 2.18
CA ALA D 20 14.20 16.01 2.91
C ALA D 20 13.97 16.06 4.41
N ASN D 21 14.62 15.13 5.14
CA ASN D 21 14.57 15.05 6.61
C ASN D 21 15.92 14.51 7.10
N SER D 22 16.95 15.36 7.07
CA SER D 22 18.29 14.92 7.42
C SER D 22 19.17 16.16 7.57
N SER D 23 20.23 16.03 8.38
CA SER D 23 21.22 17.09 8.43
C SER D 23 22.09 17.11 7.18
N GLY D 24 22.10 16.03 6.40
CA GLY D 24 22.90 16.01 5.18
C GLY D 24 22.10 16.48 3.97
N THR D 25 22.80 17.12 3.03
CA THR D 25 22.19 17.55 1.78
C THR D 25 21.82 16.33 0.94
N GLN D 26 20.55 16.23 0.58
CA GLN D 26 20.08 15.13 -0.25
C GLN D 26 20.16 15.48 -1.73
N THR D 27 20.63 14.53 -2.54
CA THR D 27 20.57 14.60 -3.99
C THR D 27 19.64 13.49 -4.47
N VAL D 28 18.54 13.87 -5.11
CA VAL D 28 17.57 12.91 -5.64
C VAL D 28 17.64 12.96 -7.15
N ASN D 29 17.92 11.81 -7.77
CA ASN D 29 17.96 11.69 -9.23
C ASN D 29 16.83 10.78 -9.66
N VAL D 30 16.07 11.20 -10.67
CA VAL D 30 14.98 10.41 -11.21
C VAL D 30 15.32 10.05 -12.65
N LEU D 31 15.40 8.75 -12.92
CA LEU D 31 15.83 8.25 -14.21
C LEU D 31 14.62 7.71 -14.97
N VAL D 32 14.53 8.10 -16.24
CA VAL D 32 13.58 7.51 -17.17
C VAL D 32 14.37 6.97 -18.33
N ASN D 33 14.07 5.73 -18.73
CA ASN D 33 14.83 5.07 -19.78
C ASN D 33 16.32 5.09 -19.47
N ASN D 34 16.66 4.93 -18.18
CA ASN D 34 18.03 4.83 -17.68
C ASN D 34 18.82 6.11 -17.87
N GLU D 35 18.14 7.25 -18.06
CA GLU D 35 18.78 8.55 -18.16
C GLU D 35 18.15 9.50 -17.15
N THR D 36 18.97 10.32 -16.50
CA THR D 36 18.43 11.24 -15.51
C THR D 36 17.49 12.22 -16.18
N ALA D 37 16.26 12.32 -15.67
CA ALA D 37 15.25 13.22 -16.19
C ALA D 37 14.88 14.33 -15.24
N ALA D 38 15.17 14.19 -13.96
CA ALA D 38 14.93 15.25 -12.99
C ALA D 38 15.93 15.08 -11.85
N THR D 39 16.42 16.20 -11.32
CA THR D 39 17.32 16.16 -10.18
C THR D 39 16.92 17.25 -9.19
N PHE D 40 16.89 16.89 -7.91
CA PHE D 40 16.57 17.82 -6.84
C PHE D 40 17.65 17.70 -5.78
N SER D 41 17.99 18.83 -5.16
CA SER D 41 18.97 18.84 -4.09
C SER D 41 18.52 19.79 -2.98
N GLY D 42 18.77 19.41 -1.74
CA GLY D 42 18.46 20.30 -0.64
C GLY D 42 18.66 19.67 0.72
N GLN D 43 18.78 20.50 1.74
CA GLN D 43 18.92 20.05 3.12
C GLN D 43 17.74 20.59 3.92
N SER D 44 17.09 19.71 4.67
CA SER D 44 16.00 20.09 5.55
C SER D 44 15.84 19.02 6.60
N THR D 45 15.56 19.42 7.84
CA THR D 45 15.05 18.49 8.85
C THR D 45 13.57 18.70 9.11
N ASN D 46 12.88 19.41 8.21
CA ASN D 46 11.47 19.78 8.41
C ASN D 46 10.63 19.49 7.16
N ASN D 47 11.00 18.44 6.42
CA ASN D 47 10.15 17.90 5.34
C ASN D 47 10.00 18.87 4.18
N ALA D 48 11.02 19.69 3.93
CA ALA D 48 10.94 20.58 2.77
C ALA D 48 10.74 19.77 1.50
N VAL D 49 9.94 20.31 0.59
CA VAL D 49 9.77 19.72 -0.73
C VAL D 49 10.93 20.23 -1.58
N ILE D 50 12.00 19.45 -1.66
CA ILE D 50 13.17 19.92 -2.38
C ILE D 50 12.96 19.89 -3.88
N GLY D 51 11.88 19.30 -4.36
CA GLY D 51 11.56 19.41 -5.77
C GLY D 51 10.33 18.62 -6.13
N THR D 52 9.57 19.11 -7.10
CA THR D 52 8.46 18.37 -7.69
C THR D 52 8.45 18.66 -9.19
N GLN D 53 8.15 17.63 -9.98
CA GLN D 53 8.19 17.76 -11.44
C GLN D 53 7.19 16.78 -12.03
N VAL D 54 6.76 17.07 -13.26
CA VAL D 54 5.99 16.13 -14.06
C VAL D 54 6.90 15.57 -15.14
N LEU D 55 6.95 14.24 -15.25
CA LEU D 55 7.80 13.55 -16.20
C LEU D 55 6.96 12.60 -17.04
N ASN D 56 7.57 12.07 -18.11
CA ASN D 56 6.94 11.12 -19.01
C ASN D 56 7.69 9.79 -18.89
N SER D 57 6.94 8.71 -18.63
CA SER D 57 7.58 7.41 -18.38
C SER D 57 8.23 6.81 -19.62
N GLY D 58 7.93 7.33 -20.81
CA GLY D 58 8.65 6.93 -22.01
C GLY D 58 8.27 5.54 -22.48
N SER D 59 8.96 5.10 -23.54
CA SER D 59 8.54 3.89 -24.24
C SER D 59 8.65 2.63 -23.36
N SER D 60 9.60 2.59 -22.42
CA SER D 60 9.72 1.41 -21.57
C SER D 60 8.87 1.49 -20.32
N GLY D 61 8.45 2.69 -19.91
CA GLY D 61 7.81 2.86 -18.63
C GLY D 61 8.71 2.70 -17.42
N LYS D 62 10.02 2.51 -17.61
CA LYS D 62 10.90 2.23 -16.48
C LYS D 62 11.35 3.51 -15.81
N VAL D 63 11.03 3.65 -14.53
CA VAL D 63 11.38 4.82 -13.72
C VAL D 63 12.22 4.33 -12.55
N GLN D 64 13.33 5.01 -12.27
CA GLN D 64 14.16 4.67 -11.14
C GLN D 64 14.48 5.92 -10.33
N VAL D 65 14.44 5.78 -9.01
CA VAL D 65 14.81 6.83 -8.08
C VAL D 65 16.14 6.45 -7.44
N GLN D 66 17.10 7.37 -7.43
CA GLN D 66 18.36 7.19 -6.72
C GLN D 66 18.56 8.35 -5.77
N VAL D 67 19.09 8.08 -4.59
CA VAL D 67 19.37 9.12 -3.61
C VAL D 67 20.83 9.00 -3.18
N SER D 68 21.50 10.14 -3.07
CA SER D 68 22.86 10.15 -2.57
C SER D 68 23.08 11.40 -1.73
N VAL D 69 24.09 11.35 -0.88
CA VAL D 69 24.49 12.49 -0.05
C VAL D 69 25.97 12.71 -0.31
N ASN D 70 26.30 13.81 -1.00
CA ASN D 70 27.68 14.12 -1.37
C ASN D 70 28.34 12.93 -2.07
N GLY D 71 27.58 12.31 -2.98
CA GLY D 71 28.08 11.23 -3.79
C GLY D 71 27.93 9.84 -3.20
N ARG D 72 27.56 9.73 -1.92
CA ARG D 72 27.44 8.42 -1.28
C ARG D 72 26.01 7.90 -1.44
N PRO D 73 25.79 6.77 -2.10
CA PRO D 73 24.42 6.30 -2.29
C PRO D 73 23.75 5.92 -0.97
N SER D 74 22.51 6.38 -0.81
CA SER D 74 21.69 6.01 0.33
C SER D 74 21.03 4.66 0.09
N ASP D 75 20.68 4.00 1.19
CA ASP D 75 19.92 2.76 1.12
C ASP D 75 18.46 3.05 0.89
N LEU D 76 17.83 2.34 -0.04
CA LEU D 76 16.46 2.62 -0.45
C LEU D 76 15.49 1.55 0.02
N VAL D 77 14.26 1.98 0.32
CA VAL D 77 13.11 1.09 0.48
C VAL D 77 11.98 1.61 -0.38
N SER D 78 11.13 0.72 -0.88
CA SER D 78 10.10 1.18 -1.80
C SER D 78 8.94 0.18 -1.89
N ALA D 79 7.82 0.67 -2.42
CA ALA D 79 6.66 -0.16 -2.74
C ALA D 79 5.72 0.65 -3.61
N GLN D 80 4.78 -0.03 -4.26
CA GLN D 80 3.73 0.63 -5.03
C GLN D 80 2.37 0.26 -4.47
N VAL D 81 1.46 1.24 -4.35
CA VAL D 81 0.11 0.97 -3.88
C VAL D 81 -0.88 1.53 -4.88
N ILE D 82 -1.98 0.81 -5.11
CA ILE D 82 -3.02 1.22 -6.03
C ILE D 82 -4.33 1.29 -5.26
N LEU D 83 -4.99 2.45 -5.34
CA LEU D 83 -6.28 2.66 -4.68
C LEU D 83 -7.41 2.66 -5.71
N THR D 84 -8.53 2.04 -5.34
CA THR D 84 -9.72 1.79 -6.16
C THR D 84 -9.38 1.44 -7.61
N ASN D 85 -8.32 0.64 -7.77
CA ASN D 85 -7.94 0.08 -9.06
C ASN D 85 -7.61 1.15 -10.11
N GLU D 86 -7.35 2.39 -9.67
CA GLU D 86 -7.05 3.46 -10.63
C GLU D 86 -5.96 4.42 -10.21
N LEU D 87 -5.73 4.65 -8.92
CA LEU D 87 -4.85 5.72 -8.46
C LEU D 87 -3.56 5.09 -7.93
N ASN D 88 -2.43 5.45 -8.54
CA ASN D 88 -1.16 4.78 -8.26
C ASN D 88 -0.21 5.66 -7.47
N PHE D 89 0.43 5.08 -6.45
CA PHE D 89 1.55 5.71 -5.77
C PHE D 89 2.74 4.78 -5.81
N ALA D 90 3.89 5.31 -6.21
CA ALA D 90 5.17 4.61 -6.05
C ALA D 90 5.94 5.37 -4.98
N LEU D 91 6.35 4.66 -3.93
CA LEU D 91 6.83 5.26 -2.71
C LEU D 91 8.28 4.86 -2.47
N VAL D 92 9.13 5.82 -2.09
CA VAL D 92 10.54 5.56 -1.82
C VAL D 92 10.95 6.22 -0.51
N GLY D 93 11.64 5.47 0.33
CA GLY D 93 12.34 6.07 1.45
C GLY D 93 13.83 5.81 1.34
N SER D 94 14.64 6.53 2.11
CA SER D 94 16.09 6.34 1.98
C SER D 94 16.77 6.69 3.29
N GLU D 95 17.91 6.04 3.52
CA GLU D 95 18.66 6.17 4.77
C GLU D 95 20.10 6.51 4.43
N ASP D 96 20.57 7.63 4.97
CA ASP D 96 21.93 8.10 4.73
C ASP D 96 22.85 7.86 5.91
N GLY D 97 22.35 7.27 7.00
CA GLY D 97 23.12 7.15 8.22
C GLY D 97 22.85 5.89 9.01
N THR D 98 22.67 6.02 10.32
CA THR D 98 22.63 4.88 11.22
C THR D 98 21.37 4.79 12.06
N ASP D 99 20.47 5.77 12.00
CA ASP D 99 19.32 5.74 12.89
C ASP D 99 18.10 5.03 12.29
N ASN D 100 18.19 4.64 11.02
CA ASN D 100 17.16 3.82 10.37
C ASN D 100 15.77 4.44 10.42
N ASP D 101 15.68 5.77 10.30
CA ASP D 101 14.34 6.31 10.12
C ASP D 101 13.89 6.31 8.67
N TYR D 102 14.82 6.14 7.72
CA TYR D 102 14.52 5.97 6.29
C TYR D 102 13.67 7.08 5.73
N ASN D 103 13.77 8.28 6.31
CA ASN D 103 13.06 9.45 5.82
C ASN D 103 13.99 10.52 5.29
N ASP D 104 15.28 10.21 5.13
CA ASP D 104 16.27 11.26 4.90
C ASP D 104 16.02 11.95 3.57
N ALA D 105 15.71 11.18 2.54
CA ALA D 105 14.95 11.68 1.40
C ALA D 105 13.75 10.74 1.21
N VAL D 106 12.58 11.33 1.04
CA VAL D 106 11.34 10.60 0.77
C VAL D 106 10.88 11.04 -0.60
N VAL D 107 10.54 10.08 -1.47
CA VAL D 107 10.12 10.40 -2.83
C VAL D 107 8.78 9.74 -3.10
N VAL D 108 7.84 10.52 -3.61
CA VAL D 108 6.51 10.02 -3.95
C VAL D 108 6.28 10.24 -5.43
N ILE D 109 5.92 9.17 -6.13
CA ILE D 109 5.56 9.21 -7.54
C ILE D 109 4.08 8.92 -7.64
N ASN D 110 3.33 9.72 -8.42
CA ASN D 110 1.90 9.50 -8.52
C ASN D 110 1.44 9.61 -9.96
N TRP D 111 0.49 8.75 -10.33
CA TRP D 111 -0.15 8.80 -11.65
C TRP D 111 -1.51 8.10 -11.57
N PRO D 112 -2.41 8.37 -12.53
CA PRO D 112 -2.32 9.32 -13.64
C PRO D 112 -2.52 10.76 -13.19
N LEU D 113 -2.18 11.69 -14.07
CA LEU D 113 -2.39 13.12 -13.84
C LEU D 113 -3.56 13.61 -14.66
N GLY D 114 -3.91 14.88 -14.43
CA GLY D 114 -4.87 15.57 -15.28
C GLY D 114 -6.31 15.48 -14.81
N ALA E 1 17.79 -2.42 3.48
CA ALA E 1 17.03 -2.33 4.72
C ALA E 1 16.62 -3.67 5.27
N THR E 2 16.39 -3.68 6.58
CA THR E 2 15.77 -4.83 7.24
C THR E 2 14.38 -5.07 6.63
N GLN E 3 14.04 -6.34 6.40
CA GLN E 3 12.73 -6.71 5.89
C GLN E 3 12.18 -7.88 6.70
N GLY E 4 10.87 -8.04 6.66
CA GLY E 4 10.22 -9.13 7.37
C GLY E 4 10.06 -8.94 8.86
N VAL E 5 10.23 -7.72 9.36
CA VAL E 5 10.08 -7.40 10.78
C VAL E 5 8.93 -6.41 10.91
N PHE E 6 8.01 -6.70 11.83
CA PHE E 6 6.83 -5.87 11.99
C PHE E 6 6.56 -5.61 13.47
N THR E 7 6.22 -4.38 13.80
CA THR E 7 5.75 -4.03 15.14
C THR E 7 4.23 -4.09 15.14
N LEU E 8 3.69 -5.11 15.77
CA LEU E 8 2.26 -5.22 15.98
C LEU E 8 1.89 -4.58 17.31
N PRO E 9 0.61 -4.25 17.52
CA PRO E 9 0.19 -3.88 18.86
C PRO E 9 0.52 -5.00 19.83
N ALA E 10 0.91 -4.64 21.05
CA ALA E 10 1.35 -5.65 22.00
C ALA E 10 0.21 -6.59 22.36
N ASN E 11 0.57 -7.85 22.66
CA ASN E 11 -0.33 -8.89 23.17
C ASN E 11 -1.59 -9.07 22.34
N THR E 12 -1.43 -8.98 21.02
CA THR E 12 -2.55 -9.07 20.09
C THR E 12 -2.45 -10.36 19.28
N ARG E 13 -3.56 -11.09 19.19
CA ARG E 13 -3.56 -12.27 18.33
C ARG E 13 -3.58 -11.86 16.87
N PHE E 14 -2.84 -12.61 16.04
CA PHE E 14 -2.74 -12.33 14.62
C PHE E 14 -2.65 -13.64 13.87
N GLY E 15 -3.10 -13.64 12.62
CA GLY E 15 -2.96 -14.81 11.77
C GLY E 15 -1.67 -14.74 10.96
N VAL E 16 -1.08 -15.91 10.71
CA VAL E 16 0.06 -15.98 9.80
C VAL E 16 -0.16 -17.20 8.91
N THR E 17 -0.01 -16.99 7.60
CA THR E 17 -0.31 -18.01 6.59
C THR E 17 0.77 -17.96 5.52
N ALA E 18 1.27 -19.12 5.10
CA ALA E 18 2.38 -19.19 4.16
C ALA E 18 2.00 -19.99 2.94
N PHE E 19 2.44 -19.51 1.76
CA PHE E 19 2.22 -20.13 0.46
C PHE E 19 3.57 -20.42 -0.19
N ALA E 20 3.65 -21.50 -0.98
CA ALA E 20 4.90 -21.85 -1.65
C ALA E 20 4.74 -21.80 -3.17
N ASN E 21 5.78 -21.34 -3.86
CA ASN E 21 5.82 -21.29 -5.32
C ASN E 21 7.27 -21.49 -5.75
N SER E 22 7.77 -22.72 -5.62
CA SER E 22 9.19 -22.98 -5.90
C SER E 22 9.42 -24.48 -5.97
N SER E 23 10.44 -24.87 -6.74
CA SER E 23 10.82 -26.28 -6.72
C SER E 23 11.47 -26.67 -5.40
N GLY E 24 11.98 -25.70 -4.63
CA GLY E 24 12.64 -26.00 -3.37
C GLY E 24 11.67 -26.01 -2.20
N THR E 25 11.97 -26.88 -1.23
CA THR E 25 11.18 -26.95 -0.02
C THR E 25 11.41 -25.69 0.83
N GLN E 26 10.32 -24.99 1.14
CA GLN E 26 10.39 -23.76 1.91
C GLN E 26 10.25 -24.05 3.40
N THR E 27 11.09 -23.41 4.21
CA THR E 27 10.92 -23.42 5.65
C THR E 27 10.67 -21.99 6.10
N VAL E 28 9.50 -21.76 6.69
CA VAL E 28 9.12 -20.44 7.19
C VAL E 28 9.11 -20.49 8.71
N ASN E 29 9.90 -19.63 9.34
CA ASN E 29 9.92 -19.48 10.79
C ASN E 29 9.32 -18.12 11.14
N VAL E 30 8.46 -18.10 12.15
CA VAL E 30 7.85 -16.88 12.64
C VAL E 30 8.33 -16.68 14.07
N LEU E 31 9.02 -15.58 14.31
CA LEU E 31 9.58 -15.26 15.61
C LEU E 31 8.72 -14.22 16.29
N VAL E 32 8.52 -14.41 17.59
CA VAL E 32 7.85 -13.42 18.42
C VAL E 32 8.78 -13.11 19.58
N ASN E 33 9.12 -11.83 19.75
CA ASN E 33 10.10 -11.40 20.75
C ASN E 33 11.38 -12.21 20.61
N ASN E 34 11.81 -12.40 19.36
CA ASN E 34 13.08 -13.00 19.00
C ASN E 34 13.16 -14.50 19.32
N GLU E 35 12.02 -15.15 19.55
CA GLU E 35 11.99 -16.59 19.76
C GLU E 35 11.04 -17.22 18.75
N THR E 36 11.42 -18.37 18.21
CA THR E 36 10.56 -19.04 17.24
C THR E 36 9.23 -19.43 17.87
N ALA E 37 8.13 -19.03 17.23
CA ALA E 37 6.79 -19.34 17.69
C ALA E 37 6.02 -20.24 16.74
N ALA E 38 6.42 -20.30 15.47
CA ALA E 38 5.79 -21.20 14.51
C ALA E 38 6.78 -21.51 13.41
N THR E 39 6.69 -22.72 12.87
CA THR E 39 7.53 -23.14 11.75
C THR E 39 6.66 -23.92 10.78
N PHE E 40 6.68 -23.51 9.51
CA PHE E 40 5.98 -24.18 8.43
C PHE E 40 7.00 -24.70 7.43
N SER E 41 6.73 -25.87 6.85
CA SER E 41 7.61 -26.43 5.84
C SER E 41 6.74 -27.05 4.74
N GLY E 42 7.11 -26.86 3.49
CA GLY E 42 6.37 -27.48 2.40
C GLY E 42 6.97 -27.12 1.06
N GLN E 43 6.49 -27.82 0.03
CA GLN E 43 6.92 -27.59 -1.34
C GLN E 43 5.73 -27.59 -2.27
N SER E 44 5.63 -26.55 -3.09
CA SER E 44 4.59 -26.40 -4.11
C SER E 44 5.08 -25.42 -5.16
N THR E 45 4.70 -25.67 -6.41
CA THR E 45 4.78 -24.64 -7.45
C THR E 45 3.40 -24.11 -7.83
N ASN E 46 2.40 -24.35 -7.00
CA ASN E 46 1.03 -23.96 -7.31
C ASN E 46 0.37 -23.23 -6.14
N ASN E 47 1.16 -22.50 -5.34
CA ASN E 47 0.64 -21.61 -4.31
C ASN E 47 -0.03 -22.36 -3.15
N ALA E 48 0.38 -23.60 -2.90
CA ALA E 48 -0.24 -24.35 -1.82
C ALA E 48 0.01 -23.69 -0.48
N VAL E 49 -1.01 -23.71 0.38
CA VAL E 49 -0.83 -23.28 1.77
C VAL E 49 0.04 -24.31 2.47
N ILE E 50 1.21 -23.87 2.95
CA ILE E 50 2.11 -24.77 3.66
C ILE E 50 2.01 -24.60 5.17
N GLY E 51 1.24 -23.63 5.65
CA GLY E 51 1.04 -23.48 7.08
C GLY E 51 0.13 -22.32 7.39
N THR E 52 -0.64 -22.42 8.46
CA THR E 52 -1.45 -21.30 8.94
C THR E 52 -1.65 -21.51 10.43
N GLN E 53 -1.60 -20.40 11.17
CA GLN E 53 -1.61 -20.48 12.62
C GLN E 53 -2.04 -19.12 13.15
N VAL E 54 -2.51 -19.10 14.39
CA VAL E 54 -2.80 -17.88 15.11
C VAL E 54 -1.79 -17.76 16.25
N LEU E 55 -1.12 -16.61 16.33
CA LEU E 55 -0.09 -16.35 17.32
C LEU E 55 -0.43 -15.09 18.12
N ASN E 56 0.31 -14.89 19.20
CA ASN E 56 0.17 -13.74 20.10
C ASN E 56 1.43 -12.89 19.97
N SER E 57 1.27 -11.61 19.66
CA SER E 57 2.42 -10.75 19.43
C SER E 57 3.21 -10.46 20.71
N GLY E 58 2.63 -10.72 21.88
CA GLY E 58 3.36 -10.63 23.13
C GLY E 58 3.65 -9.22 23.60
N SER E 59 4.50 -9.13 24.62
CA SER E 59 4.71 -7.85 25.31
C SER E 59 5.41 -6.83 24.41
N SER E 60 6.26 -7.27 23.49
CA SER E 60 6.98 -6.33 22.64
C SER E 60 6.24 -6.00 21.34
N GLY E 61 5.33 -6.88 20.92
CA GLY E 61 4.71 -6.75 19.62
C GLY E 61 5.62 -7.06 18.43
N LYS E 62 6.87 -7.46 18.66
CA LYS E 62 7.82 -7.64 17.56
C LYS E 62 7.63 -9.00 16.92
N VAL E 63 7.31 -9.01 15.64
CA VAL E 63 7.13 -10.24 14.87
C VAL E 63 8.11 -10.23 13.71
N GLN E 64 8.83 -11.34 13.54
CA GLN E 64 9.80 -11.46 12.45
C GLN E 64 9.53 -12.73 11.65
N VAL E 65 9.59 -12.60 10.32
CA VAL E 65 9.44 -13.74 9.42
C VAL E 65 10.80 -14.04 8.80
N GLN E 66 11.20 -15.30 8.81
CA GLN E 66 12.42 -15.76 8.17
C GLN E 66 12.07 -16.92 7.26
N VAL E 67 12.69 -16.97 6.08
CA VAL E 67 12.47 -18.04 5.12
C VAL E 67 13.81 -18.63 4.73
N SER E 68 13.90 -19.95 4.69
CA SER E 68 15.12 -20.59 4.22
C SER E 68 14.76 -21.77 3.32
N VAL E 69 15.68 -22.06 2.42
CA VAL E 69 15.55 -23.18 1.49
C VAL E 69 16.89 -23.90 1.49
N ASN E 70 16.86 -25.20 1.76
CA ASN E 70 18.07 -26.03 1.79
C ASN E 70 19.13 -25.46 2.72
N GLY E 71 18.69 -24.87 3.84
CA GLY E 71 19.60 -24.31 4.80
C GLY E 71 20.10 -22.91 4.50
N ARG E 72 19.65 -22.28 3.42
CA ARG E 72 20.11 -20.96 3.01
C ARG E 72 18.98 -19.95 3.16
N PRO E 73 19.14 -18.86 3.92
CA PRO E 73 18.08 -17.86 4.00
C PRO E 73 17.76 -17.28 2.63
N SER E 74 16.48 -17.07 2.37
CA SER E 74 16.04 -16.38 1.19
C SER E 74 16.12 -14.87 1.40
N ASP E 75 16.18 -14.13 0.28
CA ASP E 75 16.08 -12.68 0.34
C ASP E 75 14.62 -12.27 0.47
N LEU E 76 14.33 -11.36 1.40
CA LEU E 76 12.96 -11.00 1.71
C LEU E 76 12.60 -9.61 1.19
N VAL E 77 11.32 -9.42 0.88
CA VAL E 77 10.72 -8.10 0.69
C VAL E 77 9.46 -8.05 1.54
N SER E 78 9.16 -6.87 2.08
CA SER E 78 8.00 -6.78 2.96
C SER E 78 7.44 -5.36 3.00
N ALA E 79 6.18 -5.26 3.44
CA ALA E 79 5.57 -3.99 3.77
C ALA E 79 4.34 -4.26 4.63
N GLN E 80 3.83 -3.20 5.28
CA GLN E 80 2.58 -3.26 6.01
C GLN E 80 1.57 -2.30 5.37
N VAL E 81 0.33 -2.75 5.23
CA VAL E 81 -0.73 -1.93 4.66
C VAL E 81 -1.91 -1.91 5.63
N ILE E 82 -2.52 -0.74 5.82
CA ILE E 82 -3.68 -0.59 6.69
C ILE E 82 -4.83 -0.05 5.89
N LEU E 83 -5.97 -0.75 5.94
CA LEU E 83 -7.19 -0.35 5.25
C LEU E 83 -8.20 0.17 6.26
N THR E 84 -8.89 1.25 5.86
CA THR E 84 -9.87 2.02 6.65
C THR E 84 -9.44 2.18 8.11
N ASN E 85 -8.14 2.40 8.32
CA ASN E 85 -7.57 2.71 9.62
C ASN E 85 -7.80 1.59 10.65
N GLU E 86 -8.08 0.36 10.20
CA GLU E 86 -8.45 -0.70 11.13
C GLU E 86 -7.86 -2.06 10.75
N LEU E 87 -7.80 -2.36 9.46
CA LEU E 87 -7.47 -3.71 9.00
C LEU E 87 -6.02 -3.73 8.55
N ASN E 88 -5.22 -4.62 9.15
CA ASN E 88 -3.78 -4.62 8.96
C ASN E 88 -3.31 -5.85 8.21
N PHE E 89 -2.46 -5.66 7.22
CA PHE E 89 -1.75 -6.75 6.54
C PHE E 89 -0.26 -6.50 6.65
N ALA E 90 0.48 -7.50 7.11
CA ALA E 90 1.95 -7.48 7.01
C ALA E 90 2.34 -8.54 6.00
N LEU E 91 3.01 -8.13 4.93
CA LEU E 91 3.18 -8.96 3.75
C LEU E 91 4.65 -9.25 3.52
N VAL E 92 4.97 -10.49 3.19
CA VAL E 92 6.35 -10.90 2.96
C VAL E 92 6.44 -11.71 1.68
N GLY E 93 7.38 -11.35 0.80
CA GLY E 93 7.76 -12.23 -0.28
C GLY E 93 9.19 -12.68 -0.10
N SER E 94 9.61 -13.72 -0.83
CA SER E 94 10.98 -14.19 -0.65
C SER E 94 11.49 -14.82 -1.93
N GLU E 95 12.80 -14.74 -2.13
CA GLU E 95 13.45 -15.23 -3.34
C GLU E 95 14.56 -16.20 -2.94
N ASP E 96 14.48 -17.41 -3.46
CA ASP E 96 15.45 -18.44 -3.13
C ASP E 96 16.45 -18.70 -4.25
N GLY E 97 16.40 -17.92 -5.32
CA GLY E 97 17.19 -18.19 -6.49
C GLY E 97 17.51 -16.95 -7.30
N THR E 98 17.38 -17.04 -8.63
CA THR E 98 17.86 -16.01 -9.53
C THR E 98 16.79 -15.36 -10.39
N ASP E 99 15.57 -15.88 -10.42
CA ASP E 99 14.58 -15.33 -11.35
C ASP E 99 13.84 -14.14 -10.79
N ASN E 100 14.00 -13.87 -9.49
CA ASN E 100 13.46 -12.67 -8.84
C ASN E 100 11.95 -12.54 -8.98
N ASP E 101 11.23 -13.66 -8.88
CA ASP E 101 9.78 -13.50 -8.77
C ASP E 101 9.32 -13.27 -7.33
N TYR E 102 10.19 -13.53 -6.35
CA TYR E 102 9.93 -13.20 -4.94
C TYR E 102 8.63 -13.80 -4.42
N ASN E 103 8.18 -14.91 -5.03
CA ASN E 103 7.01 -15.62 -4.55
C ASN E 103 7.34 -17.00 -3.99
N ASP E 104 8.62 -17.32 -3.81
CA ASP E 104 8.99 -18.70 -3.54
C ASP E 104 8.39 -19.18 -2.23
N ALA E 105 8.39 -18.32 -1.21
CA ALA E 105 7.46 -18.41 -0.09
C ALA E 105 6.82 -17.04 0.07
N VAL E 106 5.49 -17.01 0.14
CA VAL E 106 4.74 -15.78 0.37
C VAL E 106 4.09 -15.91 1.74
N VAL E 107 4.26 -14.90 2.58
CA VAL E 107 3.72 -14.97 3.95
C VAL E 107 2.81 -13.78 4.20
N VAL E 108 1.60 -14.06 4.68
CA VAL E 108 0.61 -13.02 4.97
C VAL E 108 0.31 -13.05 6.46
N ILE E 109 0.49 -11.91 7.12
CA ILE E 109 0.13 -11.73 8.52
C ILE E 109 -1.04 -10.76 8.56
N ASN E 110 -2.09 -11.11 9.31
CA ASN E 110 -3.25 -10.22 9.34
C ASN E 110 -3.79 -10.09 10.77
N TRP E 111 -4.23 -8.88 11.10
CA TRP E 111 -4.89 -8.59 12.39
C TRP E 111 -5.74 -7.34 12.21
N PRO E 112 -6.72 -7.11 13.10
CA PRO E 112 -7.13 -7.96 14.23
C PRO E 112 -7.88 -9.18 13.76
N LEU E 113 -7.97 -10.16 14.65
CA LEU E 113 -8.80 -11.32 14.45
C LEU E 113 -10.09 -11.15 15.27
N GLY E 114 -10.99 -12.11 15.11
CA GLY E 114 -12.18 -12.20 15.94
C GLY E 114 -13.39 -11.49 15.40
CA CA F . -12.00 13.11 -11.49
CA CA G . -8.65 14.44 -12.49
CA CA H . 16.07 11.54 9.10
C1 ZDC I . 19.74 13.59 11.36
C1M ZDC I . 19.26 15.00 11.71
C2 ZDC I . 18.53 12.63 11.18
C3 ZDC I . 19.06 11.30 10.69
C4 ZDC I . 19.87 11.44 9.43
C5 ZDC I . 21.07 12.34 9.75
C6 ZDC I . 22.43 11.81 10.12
C7 ZDC I . 23.56 12.83 10.35
O2 ZDC I . 17.70 13.14 10.12
O3 ZDC I . 17.91 10.49 10.35
O4 ZDC I . 20.27 10.10 9.00
O5 ZDC I . 20.58 13.64 10.17
O7A ZDC I . 23.43 13.48 11.36
C1 ZDC J . -11.13 17.27 -15.42
C1M ZDC J . -10.11 18.18 -16.12
C2 ZDC J . -10.49 15.93 -14.94
C3 ZDC J . -11.53 15.19 -14.11
C4 ZDC J . -12.08 16.05 -13.00
C5 ZDC J . -12.77 17.22 -13.71
C6 ZDC J . -14.11 17.16 -14.36
C7 ZDC J . -14.61 18.49 -14.94
O2 ZDC J . -9.37 16.21 -14.06
O3 ZDC J . -10.88 14.04 -13.51
O4 ZDC J . -12.99 15.26 -12.18
O5 ZDC J . -11.74 18.01 -14.32
O7A ZDC J . -14.21 18.73 -16.06
C01 8VH K . -19.19 23.75 -14.42
C02 8VH K . -19.44 24.55 -15.52
C03 8VH K . -20.36 25.59 -15.42
C04 8VH K . -21.01 25.81 -14.22
C05 8VH K . -20.76 25.01 -13.12
C06 8VH K . -19.84 23.98 -13.23
C07 8VH K . -20.63 26.48 -16.64
C08 8VH K . -18.18 22.61 -14.54
C1 ZDC L . -18.46 -10.72 15.92
C1M ZDC L . -17.97 -11.95 16.67
C2 ZDC L . -17.24 -9.89 15.40
C3 ZDC L . -17.81 -8.79 14.53
C4 ZDC L . -18.67 -9.30 13.40
C5 ZDC L . -19.85 -10.03 14.04
C6 ZDC L . -21.17 -9.35 14.31
C7 ZDC L . -22.32 -10.23 14.80
O2 ZDC L . -16.40 -10.72 14.57
O3 ZDC L . -16.68 -8.07 13.96
O4 ZDC L . -19.13 -8.16 12.63
O5 ZDC L . -19.34 -11.12 14.83
O7A ZDC L . -22.32 -10.40 15.99
CA CA M . -17.21 -6.74 11.91
CA CA N . -14.91 -9.50 12.99
CA CA O . 8.88 -18.94 -7.70
C1 ZDC P . 11.31 -22.51 -9.73
C1M ZDC P . 10.28 -23.58 -10.09
C2 ZDC P . 10.65 -21.11 -9.64
C3 ZDC P . 11.71 -20.15 -9.14
C4 ZDC P . 12.29 -20.59 -7.82
C5 ZDC P . 12.95 -21.97 -7.99
C6 ZDC P . 14.41 -22.20 -8.16
C7 ZDC P . 14.81 -23.63 -8.53
O2 ZDC P . 9.58 -21.13 -8.66
O3 ZDC P . 11.05 -18.88 -8.88
O4 ZDC P . 13.25 -19.58 -7.41
O5 ZDC P . 11.98 -22.92 -8.49
O7A ZDC P . 14.78 -23.87 -9.71
CA CA Q . 18.32 8.57 8.82
CA CA R . 12.20 -17.31 -7.35
#